data_8KEN
#
_entry.id   8KEN
#
_cell.length_a   76.330
_cell.length_b   82.182
_cell.length_c   115.931
_cell.angle_alpha   90.000
_cell.angle_beta   90.000
_cell.angle_gamma   90.000
#
_symmetry.space_group_name_H-M   'P 21 21 21'
#
loop_
_entity.id
_entity.type
_entity.pdbx_description
1 polymer Exodeoxyribonuclease
2 water water
#
_entity_poly.entity_id   1
_entity_poly.type   'polypeptide(L)'
_entity_poly.pdbx_seq_one_letter_code
;MFDFIIDFETMGSGEKAAVIDLAVIAFDPNPEVVETFDELVSRGIKIKFDLKSQKGHRLFTKSTIEWWKNQSPEARKNIA
PSDEDVATIAGIAKFNDYINAHNIDPWKSQGWCRGMSFDFPILVDLIRDIQRLNGVSENELDTFKLEPCKFWNQRDIRTR
IEALLLVRDMTTCPLPKGTLDGFVAHDSIHDCAKDILMMKYALRYAMGLEDAPSEEECDPLSLPTKR
;
_entity_poly.pdbx_strand_id   B,A
#
# COMPACT_ATOMS: atom_id res chain seq x y z
N MET A 1 -8.74 -22.25 2.34
CA MET A 1 -7.83 -21.13 2.08
C MET A 1 -8.37 -19.79 2.56
N PHE A 2 -7.75 -19.25 3.60
CA PHE A 2 -8.16 -17.97 4.15
C PHE A 2 -7.23 -16.83 3.71
N ASP A 3 -7.77 -15.62 3.75
CA ASP A 3 -7.02 -14.37 3.67
C ASP A 3 -6.78 -13.86 5.10
N PHE A 4 -5.97 -12.81 5.26
CA PHE A 4 -5.81 -12.23 6.59
C PHE A 4 -5.69 -10.69 6.55
N ILE A 5 -5.99 -10.10 7.71
CA ILE A 5 -5.89 -8.67 7.94
C ILE A 5 -4.93 -8.42 9.09
N ILE A 6 -4.16 -7.33 9.01
CA ILE A 6 -3.24 -6.94 10.07
C ILE A 6 -3.45 -5.47 10.39
N ASP A 7 -2.97 -5.08 11.56
CA ASP A 7 -3.07 -3.67 11.96
C ASP A 7 -2.15 -3.43 13.15
N PHE A 8 -1.15 -2.57 12.97
CA PHE A 8 -0.32 -2.15 14.09
C PHE A 8 -0.94 -0.93 14.77
N GLU A 9 -0.67 -0.79 16.07
CA GLU A 9 -0.61 0.51 16.70
C GLU A 9 0.85 0.81 16.92
N THR A 10 1.27 2.05 16.65
CA THR A 10 2.69 2.41 16.69
C THR A 10 2.90 3.71 17.46
N MET A 11 4.18 3.98 17.72
CA MET A 11 4.66 5.25 18.22
C MET A 11 5.51 5.98 17.19
N GLY A 12 5.29 5.73 15.90
CA GLY A 12 6.23 6.16 14.89
C GLY A 12 5.65 5.95 13.52
N SER A 13 6.42 6.37 12.50
CA SER A 13 5.86 6.58 11.17
C SER A 13 6.46 5.67 10.12
N GLY A 14 7.78 5.54 10.03
CA GLY A 14 8.35 4.75 8.96
C GLY A 14 8.31 3.23 9.22
N GLU A 15 9.09 2.51 8.40
CA GLU A 15 9.17 1.05 8.53
C GLU A 15 9.88 0.62 9.80
N LYS A 16 10.70 1.49 10.39
CA LYS A 16 11.38 1.23 11.65
C LYS A 16 10.57 1.68 12.87
N ALA A 17 9.28 1.93 12.69
CA ALA A 17 8.49 2.57 13.74
C ALA A 17 8.36 1.68 14.97
N ALA A 18 8.46 2.29 16.15
CA ALA A 18 8.20 1.58 17.39
C ALA A 18 6.76 1.08 17.39
N VAL A 19 6.59 -0.23 17.65
CA VAL A 19 5.28 -0.89 17.57
C VAL A 19 4.70 -1.04 18.96
N ILE A 20 3.38 -0.86 19.06
CA ILE A 20 2.66 -0.98 20.31
C ILE A 20 1.94 -2.31 20.39
N ASP A 21 1.18 -2.64 19.35
CA ASP A 21 0.58 -3.96 19.25
C ASP A 21 0.37 -4.29 17.79
N LEU A 22 0.00 -5.55 17.54
CA LEU A 22 -0.29 -6.08 16.21
C LEU A 22 -1.48 -7.02 16.31
N ALA A 23 -2.60 -6.65 15.69
CA ALA A 23 -3.75 -7.53 15.59
C ALA A 23 -3.75 -8.18 14.21
N VAL A 24 -4.12 -9.45 14.17
CA VAL A 24 -4.20 -10.21 12.91
C VAL A 24 -5.38 -11.16 13.00
N ILE A 25 -6.15 -11.26 11.91
CA ILE A 25 -7.29 -12.15 11.83
C ILE A 25 -7.28 -12.83 10.47
N ALA A 26 -7.30 -14.17 10.48
CA ALA A 26 -7.50 -14.93 9.26
C ALA A 26 -8.99 -15.05 8.98
N PHE A 27 -9.36 -14.97 7.71
CA PHE A 27 -10.78 -14.87 7.39
C PHE A 27 -11.02 -15.41 5.98
N ASP A 28 -12.30 -15.67 5.70
CA ASP A 28 -12.74 -16.33 4.49
C ASP A 28 -12.98 -15.29 3.41
N PRO A 29 -12.25 -15.32 2.30
CA PRO A 29 -12.52 -14.36 1.21
C PRO A 29 -13.84 -14.59 0.50
N ASN A 30 -14.44 -15.77 0.61
CA ASN A 30 -15.56 -16.10 -0.26
C ASN A 30 -16.73 -15.16 0.00
N PRO A 31 -17.32 -14.57 -1.03
CA PRO A 31 -18.44 -13.65 -0.79
C PRO A 31 -19.62 -14.28 -0.09
N GLU A 32 -20.00 -15.50 -0.50
CA GLU A 32 -21.24 -16.09 -0.01
C GLU A 32 -21.18 -16.43 1.47
N VAL A 33 -19.99 -16.61 2.03
CA VAL A 33 -19.86 -16.74 3.48
C VAL A 33 -19.80 -15.34 4.08
N VAL A 34 -20.73 -15.05 4.99
CA VAL A 34 -20.64 -13.88 5.86
C VAL A 34 -20.34 -14.43 7.25
N GLU A 35 -19.08 -14.34 7.66
CA GLU A 35 -18.70 -14.69 9.02
C GLU A 35 -19.13 -13.59 9.98
N THR A 36 -19.54 -13.99 11.19
CA THR A 36 -20.05 -13.02 12.15
C THR A 36 -18.92 -12.29 12.85
N PHE A 37 -19.29 -11.17 13.48
CA PHE A 37 -18.34 -10.40 14.27
C PHE A 37 -17.76 -11.24 15.40
N ASP A 38 -18.60 -12.06 16.03
CA ASP A 38 -18.18 -12.83 17.19
C ASP A 38 -17.18 -13.92 16.82
N GLU A 39 -17.33 -14.54 15.64
CA GLU A 39 -16.36 -15.57 15.28
C GLU A 39 -15.08 -14.95 14.74
N LEU A 40 -15.17 -13.79 14.10
CA LEU A 40 -13.95 -13.12 13.67
C LEU A 40 -13.11 -12.74 14.87
N VAL A 41 -13.72 -12.07 15.85
CA VAL A 41 -12.99 -11.69 17.06
C VAL A 41 -12.39 -12.92 17.73
N SER A 42 -13.17 -14.00 17.84
CA SER A 42 -12.70 -15.20 18.53
C SER A 42 -11.59 -15.90 17.77
N ARG A 43 -11.52 -15.72 16.45
CA ARG A 43 -10.39 -16.21 15.68
C ARG A 43 -9.17 -15.29 15.74
N GLY A 44 -9.35 -14.01 16.08
CA GLY A 44 -8.24 -13.09 16.03
C GLY A 44 -7.26 -13.32 17.16
N ILE A 45 -6.05 -12.76 17.00
CA ILE A 45 -5.12 -12.62 18.10
C ILE A 45 -4.60 -11.19 18.13
N LYS A 46 -4.01 -10.84 19.27
CA LYS A 46 -3.36 -9.55 19.48
C LYS A 46 -1.99 -9.82 20.08
N ILE A 47 -0.95 -9.34 19.44
CA ILE A 47 0.39 -9.34 19.99
C ILE A 47 0.68 -7.94 20.50
N LYS A 48 1.01 -7.82 21.79
CA LYS A 48 1.33 -6.55 22.42
C LYS A 48 2.84 -6.47 22.63
N PHE A 49 3.45 -5.37 22.20
CA PHE A 49 4.90 -5.29 22.22
C PHE A 49 5.40 -4.51 23.44
N ASP A 50 6.55 -4.94 23.94
CA ASP A 50 7.26 -4.24 25.00
C ASP A 50 7.92 -2.99 24.42
N LEU A 51 7.38 -1.81 24.75
CA LEU A 51 7.90 -0.56 24.22
C LEU A 51 9.32 -0.26 24.69
N LYS A 52 9.60 -0.50 25.98
CA LYS A 52 10.90 -0.13 26.53
C LYS A 52 12.04 -0.83 25.80
N SER A 53 11.84 -2.09 25.39
CA SER A 53 12.92 -2.82 24.73
C SER A 53 13.29 -2.20 23.38
N GLN A 54 12.43 -1.38 22.80
CA GLN A 54 12.71 -0.81 21.48
C GLN A 54 13.48 0.51 21.52
N LYS A 55 13.66 1.10 22.70
CA LYS A 55 14.40 2.34 22.81
C LYS A 55 15.84 2.13 22.37
N GLY A 56 16.27 2.89 21.38
CA GLY A 56 17.55 2.66 20.75
C GLY A 56 17.52 1.75 19.55
N HIS A 57 16.38 1.12 19.28
CA HIS A 57 16.24 0.18 18.16
C HIS A 57 15.16 0.56 17.17
N ARG A 58 14.01 1.04 17.64
CA ARG A 58 12.92 1.42 16.75
C ARG A 58 12.52 2.87 17.04
N LEU A 59 11.82 3.46 16.09
CA LEU A 59 11.72 4.92 15.97
C LEU A 59 10.50 5.45 16.71
N PHE A 60 10.73 6.35 17.68
CA PHE A 60 9.66 7.01 18.43
C PHE A 60 9.50 8.42 17.87
N THR A 61 8.43 8.65 17.11
CA THR A 61 8.26 9.91 16.39
C THR A 61 7.56 10.93 17.29
N LYS A 62 8.18 12.12 17.45
CA LYS A 62 7.62 13.18 18.28
C LYS A 62 6.14 13.41 18.00
N SER A 63 5.79 13.58 16.71
CA SER A 63 4.40 13.90 16.40
C SER A 63 3.46 12.73 16.70
N THR A 64 3.94 11.48 16.56
CA THR A 64 3.10 10.36 16.98
C THR A 64 2.94 10.30 18.50
N ILE A 65 4.01 10.56 19.24
CA ILE A 65 3.90 10.64 20.70
C ILE A 65 2.88 11.73 21.08
N GLU A 66 2.98 12.90 20.46
CA GLU A 66 2.07 13.99 20.77
C GLU A 66 0.62 13.65 20.38
N TRP A 67 0.43 12.97 19.25
CA TRP A 67 -0.90 12.54 18.87
C TRP A 67 -1.49 11.55 19.89
N TRP A 68 -0.65 10.67 20.44
CA TRP A 68 -1.12 9.77 21.49
C TRP A 68 -1.47 10.55 22.76
N LYS A 69 -0.66 11.57 23.08
CA LYS A 69 -0.91 12.38 24.27
C LYS A 69 -2.35 12.86 24.33
N ASN A 70 -2.96 13.14 23.17
CA ASN A 70 -4.27 13.77 23.08
C ASN A 70 -5.41 12.78 22.87
N GLN A 71 -5.16 11.48 22.88
CA GLN A 71 -6.30 10.58 22.75
C GLN A 71 -6.96 10.39 24.10
N SER A 72 -8.21 9.91 24.06
CA SER A 72 -9.00 9.63 25.26
C SER A 72 -8.23 8.72 26.22
N PRO A 73 -8.55 8.74 27.52
CA PRO A 73 -7.88 7.78 28.42
C PRO A 73 -8.19 6.34 28.06
N GLU A 74 -9.34 6.08 27.43
CA GLU A 74 -9.65 4.72 27.02
C GLU A 74 -8.68 4.24 25.95
N ALA A 75 -8.38 5.10 24.96
CA ALA A 75 -7.41 4.75 23.93
C ALA A 75 -6.02 4.56 24.50
N ARG A 76 -5.64 5.38 25.49
CA ARG A 76 -4.28 5.36 26.02
C ARG A 76 -4.04 4.15 26.91
N LYS A 77 -5.10 3.55 27.46
CA LYS A 77 -4.95 2.36 28.30
C LYS A 77 -4.29 1.23 27.52
N ASN A 78 -4.68 1.06 26.25
CA ASN A 78 -4.05 0.09 25.37
C ASN A 78 -2.55 0.33 25.19
N ILE A 79 -2.07 1.54 25.45
CA ILE A 79 -0.65 1.86 25.24
C ILE A 79 0.22 1.46 26.44
N ALA A 80 -0.31 1.49 27.66
CA ALA A 80 0.50 1.30 28.85
C ALA A 80 1.15 -0.08 28.86
N PRO A 81 2.31 -0.20 29.52
CA PRO A 81 2.96 -1.51 29.65
C PRO A 81 2.08 -2.51 30.38
N SER A 82 2.33 -3.78 30.08
CA SER A 82 1.44 -4.88 30.43
C SER A 82 2.29 -6.13 30.59
N ASP A 83 1.75 -7.11 31.35
CA ASP A 83 2.47 -8.36 31.58
C ASP A 83 2.57 -9.20 30.31
N GLU A 84 1.60 -9.07 29.42
CA GLU A 84 1.58 -9.75 28.14
C GLU A 84 2.54 -9.15 27.10
N ASP A 85 3.35 -8.15 27.46
CA ASP A 85 4.25 -7.54 26.49
C ASP A 85 5.35 -8.54 26.07
N VAL A 86 5.69 -8.53 24.77
CA VAL A 86 6.71 -9.40 24.22
C VAL A 86 7.72 -8.59 23.42
N ALA A 87 8.95 -9.12 23.36
CA ALA A 87 9.97 -8.52 22.50
C ALA A 87 9.56 -8.67 21.03
N THR A 88 10.05 -7.75 20.19
CA THR A 88 9.63 -7.72 18.80
C THR A 88 9.94 -9.03 18.05
N ILE A 89 11.11 -9.67 18.32
CA ILE A 89 11.35 -10.98 17.70
C ILE A 89 10.37 -12.01 18.22
N ALA A 90 9.99 -11.89 19.49
CA ALA A 90 9.02 -12.84 20.02
C ALA A 90 7.68 -12.67 19.34
N GLY A 91 7.26 -11.42 19.13
CA GLY A 91 5.97 -11.17 18.52
C GLY A 91 5.91 -11.52 17.04
N ILE A 92 7.02 -11.33 16.32
CA ILE A 92 7.01 -11.75 14.91
C ILE A 92 6.97 -13.27 14.82
N ALA A 93 7.63 -13.97 15.75
CA ALA A 93 7.48 -15.43 15.78
C ALA A 93 6.04 -15.82 16.02
N LYS A 94 5.39 -15.16 16.99
CA LYS A 94 3.98 -15.45 17.26
C LYS A 94 3.14 -15.17 16.02
N PHE A 95 3.40 -14.05 15.34
CA PHE A 95 2.70 -13.74 14.10
C PHE A 95 2.85 -14.85 13.08
N ASN A 96 4.10 -15.32 12.89
CA ASN A 96 4.35 -16.39 11.93
C ASN A 96 3.64 -17.68 12.35
N ASP A 97 3.64 -18.00 13.65
CA ASP A 97 2.88 -19.16 14.12
C ASP A 97 1.40 -19.03 13.79
N TYR A 98 0.80 -17.87 14.10
CA TYR A 98 -0.62 -17.69 13.80
C TYR A 98 -0.90 -17.91 12.31
N ILE A 99 -0.07 -17.33 11.44
CA ILE A 99 -0.25 -17.50 10.00
C ILE A 99 -0.14 -18.98 9.62
N ASN A 100 0.81 -19.70 10.23
CA ASN A 100 1.00 -21.10 9.86
C ASN A 100 -0.12 -22.01 10.36
N ALA A 101 -0.85 -21.61 11.40
CA ALA A 101 -1.93 -22.40 11.95
C ALA A 101 -3.30 -22.05 11.39
N HIS A 102 -3.41 -21.25 10.32
CA HIS A 102 -4.72 -20.72 9.96
C HIS A 102 -4.97 -20.71 8.47
N ASN A 103 -4.52 -21.75 7.76
CA ASN A 103 -4.99 -22.04 6.40
C ASN A 103 -4.69 -20.88 5.44
N ILE A 104 -3.49 -20.32 5.55
CA ILE A 104 -3.01 -19.29 4.65
C ILE A 104 -2.10 -19.97 3.64
N ASP A 105 -2.41 -19.79 2.36
CA ASP A 105 -1.56 -20.29 1.28
C ASP A 105 -0.52 -19.23 0.93
N PRO A 106 0.78 -19.55 1.01
CA PRO A 106 1.80 -18.53 0.71
C PRO A 106 1.67 -17.92 -0.68
N TRP A 107 1.28 -18.71 -1.67
CA TRP A 107 1.27 -18.23 -3.05
C TRP A 107 -0.06 -17.62 -3.48
N LYS A 108 -1.15 -17.85 -2.74
CA LYS A 108 -2.48 -17.44 -3.19
C LYS A 108 -3.25 -16.57 -2.21
N SER A 109 -2.94 -16.61 -0.92
CA SER A 109 -3.69 -15.81 0.03
C SER A 109 -3.30 -14.34 -0.09
N GLN A 110 -4.20 -13.47 0.34
CA GLN A 110 -4.06 -12.02 0.22
C GLN A 110 -4.03 -11.42 1.61
N GLY A 111 -3.08 -10.53 1.86
CA GLY A 111 -2.98 -9.81 3.12
C GLY A 111 -3.50 -8.39 3.01
N TRP A 112 -4.19 -7.95 4.07
CA TRP A 112 -5.01 -6.74 4.06
C TRP A 112 -4.67 -5.84 5.24
N CYS A 113 -4.53 -4.53 4.98
CA CYS A 113 -4.40 -3.53 6.04
C CYS A 113 -4.94 -2.18 5.56
N ARG A 114 -5.33 -1.35 6.52
CA ARG A 114 -5.86 -0.01 6.24
C ARG A 114 -4.71 0.96 5.96
N GLY A 115 -4.20 0.92 4.73
CA GLY A 115 -3.03 1.74 4.45
C GLY A 115 -1.83 0.88 4.17
N MET A 116 -1.76 0.36 2.94
CA MET A 116 -0.76 -0.64 2.59
C MET A 116 0.67 -0.17 2.85
N SER A 117 0.94 1.13 2.68
CA SER A 117 2.28 1.64 2.91
C SER A 117 2.61 1.78 4.40
N PHE A 118 1.68 1.51 5.29
CA PHE A 118 2.00 1.67 6.69
C PHE A 118 2.35 0.33 7.35
N ASP A 119 1.38 -0.61 7.40
CA ASP A 119 1.60 -1.84 8.15
C ASP A 119 2.54 -2.81 7.44
N PHE A 120 2.37 -3.00 6.14
CA PHE A 120 3.22 -4.03 5.54
C PHE A 120 4.71 -3.71 5.60
N PRO A 121 5.16 -2.45 5.45
CA PRO A 121 6.61 -2.19 5.61
C PRO A 121 7.09 -2.43 7.02
N ILE A 122 6.25 -2.22 8.03
CA ILE A 122 6.67 -2.52 9.40
C ILE A 122 6.70 -4.02 9.63
N LEU A 123 5.69 -4.74 9.12
CA LEU A 123 5.71 -6.19 9.18
C LEU A 123 6.99 -6.73 8.53
N VAL A 124 7.28 -6.27 7.31
CA VAL A 124 8.44 -6.78 6.61
C VAL A 124 9.72 -6.37 7.32
N ASP A 125 9.74 -5.20 7.96
CA ASP A 125 10.96 -4.90 8.68
C ASP A 125 11.12 -5.80 9.90
N LEU A 126 10.01 -6.21 10.52
CA LEU A 126 10.09 -7.12 11.65
C LEU A 126 10.51 -8.52 11.21
N ILE A 127 10.05 -8.94 10.03
CA ILE A 127 10.48 -10.23 9.52
C ILE A 127 11.96 -10.18 9.12
N ARG A 128 12.39 -9.06 8.50
CA ARG A 128 13.81 -8.88 8.22
C ARG A 128 14.66 -9.11 9.46
N ASP A 129 14.17 -8.64 10.60
CA ASP A 129 14.86 -8.84 11.88
C ASP A 129 15.22 -10.31 12.11
N ILE A 130 14.36 -11.24 11.67
CA ILE A 130 14.68 -12.67 11.77
C ILE A 130 15.98 -12.97 11.04
N GLN A 131 16.15 -12.37 9.87
CA GLN A 131 17.35 -12.63 9.09
C GLN A 131 18.57 -11.92 9.67
N ARG A 132 18.39 -10.72 10.23
CA ARG A 132 19.51 -10.08 10.92
C ARG A 132 19.88 -10.85 12.18
N LEU A 133 18.89 -11.38 12.89
CA LEU A 133 19.16 -12.27 14.01
C LEU A 133 20.10 -13.42 13.63
N ASN A 134 19.98 -13.93 12.40
CA ASN A 134 20.86 -14.97 11.86
C ASN A 134 22.19 -14.43 11.34
N GLY A 135 22.52 -13.17 11.63
CA GLY A 135 23.75 -12.60 11.10
C GLY A 135 23.77 -12.22 9.63
N VAL A 136 22.63 -12.10 8.98
CA VAL A 136 22.62 -11.68 7.58
C VAL A 136 22.84 -10.16 7.50
N SER A 137 23.77 -9.76 6.62
CA SER A 137 24.00 -8.37 6.28
C SER A 137 22.74 -7.70 5.72
N GLU A 138 22.65 -6.37 5.89
CA GLU A 138 21.51 -5.64 5.36
C GLU A 138 21.41 -5.77 3.85
N ASN A 139 22.54 -5.81 3.16
CA ASN A 139 22.49 -5.81 1.71
C ASN A 139 22.24 -7.19 1.14
N GLU A 140 22.06 -8.19 2.00
CA GLU A 140 21.82 -9.57 1.57
C GLU A 140 20.55 -10.13 2.19
N LEU A 141 19.80 -9.32 2.94
CA LEU A 141 18.47 -9.73 3.37
C LEU A 141 17.63 -10.20 2.19
N ASP A 142 16.74 -11.15 2.48
CA ASP A 142 15.83 -11.72 1.49
C ASP A 142 14.74 -12.50 2.22
N THR A 143 13.60 -11.86 2.46
CA THR A 143 12.52 -12.41 3.27
C THR A 143 11.40 -13.00 2.44
N PHE A 144 11.66 -13.30 1.16
CA PHE A 144 10.59 -13.67 0.25
C PHE A 144 9.87 -14.93 0.71
N LYS A 145 10.62 -15.92 1.22
CA LYS A 145 9.99 -17.14 1.70
C LYS A 145 9.43 -17.00 3.10
N LEU A 146 9.76 -15.92 3.81
CA LEU A 146 9.25 -15.75 5.17
C LEU A 146 8.01 -14.90 5.23
N GLU A 147 7.65 -14.24 4.16
CA GLU A 147 6.56 -13.30 4.27
C GLU A 147 5.23 -14.06 4.24
N PRO A 148 4.21 -13.57 4.94
CA PRO A 148 2.95 -14.34 5.04
C PRO A 148 2.15 -14.36 3.76
N CYS A 149 2.34 -13.39 2.87
CA CYS A 149 1.81 -13.49 1.52
C CYS A 149 2.88 -12.94 0.61
N LYS A 150 2.77 -13.23 -0.67
CA LYS A 150 3.71 -12.68 -1.62
C LYS A 150 3.44 -11.18 -1.74
N PHE A 151 4.48 -10.40 -2.06
CA PHE A 151 4.33 -8.95 -2.01
C PHE A 151 3.24 -8.48 -2.95
N TRP A 152 3.15 -9.08 -4.14
CA TRP A 152 2.12 -8.73 -5.09
C TRP A 152 0.72 -9.16 -4.65
N ASN A 153 0.59 -9.90 -3.55
CA ASN A 153 -0.72 -10.23 -2.98
C ASN A 153 -1.10 -9.35 -1.79
N GLN A 154 -0.35 -8.30 -1.51
CA GLN A 154 -0.78 -7.32 -0.53
C GLN A 154 -1.90 -6.47 -1.13
N ARG A 155 -2.87 -6.10 -0.30
CA ARG A 155 -4.08 -5.44 -0.75
C ARG A 155 -4.45 -4.36 0.26
N ASP A 156 -5.02 -3.25 -0.26
CA ASP A 156 -5.28 -2.07 0.56
C ASP A 156 -6.77 -1.93 0.81
N ILE A 157 -7.14 -1.79 2.07
CA ILE A 157 -8.54 -1.77 2.46
C ILE A 157 -9.24 -0.49 1.97
N ARG A 158 -8.57 0.66 2.09
CA ARG A 158 -9.17 1.91 1.62
C ARG A 158 -9.49 1.85 0.13
N THR A 159 -8.55 1.33 -0.66
CA THR A 159 -8.76 1.25 -2.10
C THR A 159 -9.90 0.28 -2.43
N ARG A 160 -9.95 -0.85 -1.70
CA ARG A 160 -10.97 -1.88 -1.95
C ARG A 160 -12.38 -1.33 -1.73
N ILE A 161 -12.67 -0.93 -0.49
CA ILE A 161 -14.01 -0.46 -0.14
C ILE A 161 -14.46 0.67 -1.04
N GLU A 162 -13.57 1.63 -1.32
CA GLU A 162 -13.90 2.72 -2.23
C GLU A 162 -14.17 2.23 -3.65
N ALA A 163 -13.47 1.17 -4.07
CA ALA A 163 -13.70 0.65 -5.42
C ALA A 163 -15.03 -0.08 -5.51
N LEU A 164 -15.35 -0.89 -4.51
CA LEU A 164 -16.56 -1.71 -4.55
C LEU A 164 -17.82 -0.86 -4.51
N LEU A 165 -17.79 0.26 -3.75
CA LEU A 165 -18.97 1.10 -3.62
C LEU A 165 -19.06 2.21 -4.67
N LEU A 166 -17.95 2.54 -5.33
CA LEU A 166 -17.90 3.54 -6.41
C LEU A 166 -18.22 4.94 -5.91
N VAL A 167 -17.72 5.29 -4.73
CA VAL A 167 -17.82 6.65 -4.18
C VAL A 167 -16.42 7.11 -3.77
N ARG A 168 -15.90 8.12 -4.47
CA ARG A 168 -14.61 8.69 -4.12
C ARG A 168 -14.54 9.09 -2.66
N ASP A 169 -13.49 8.63 -1.98
CA ASP A 169 -13.16 8.89 -0.58
C ASP A 169 -14.11 8.20 0.41
N MET A 170 -14.84 7.17 0.00
CA MET A 170 -15.69 6.44 0.95
C MET A 170 -15.00 5.12 1.29
N THR A 171 -14.38 5.07 2.46
CA THR A 171 -13.53 3.96 2.88
C THR A 171 -14.16 3.15 4.01
N THR A 172 -15.43 3.39 4.31
CA THR A 172 -16.19 2.56 5.22
C THR A 172 -17.46 2.13 4.50
N CYS A 173 -18.09 1.09 5.04
CA CYS A 173 -19.25 0.49 4.41
C CYS A 173 -20.33 0.29 5.44
N PRO A 174 -21.58 0.67 5.15
CA PRO A 174 -22.67 0.47 6.11
C PRO A 174 -23.01 -1.01 6.28
N LEU A 175 -23.30 -1.38 7.52
CA LEU A 175 -23.58 -2.76 7.83
C LEU A 175 -25.02 -2.94 8.33
N PRO A 176 -25.67 -4.06 8.01
CA PRO A 176 -27.01 -4.31 8.52
C PRO A 176 -27.06 -4.31 10.04
N LYS A 177 -28.24 -3.98 10.57
CA LYS A 177 -28.43 -3.82 12.01
C LYS A 177 -27.83 -4.98 12.79
N GLY A 178 -27.27 -4.67 13.95
CA GLY A 178 -26.70 -5.68 14.82
C GLY A 178 -25.42 -6.32 14.35
N THR A 179 -24.93 -5.98 13.16
CA THR A 179 -23.70 -6.59 12.66
C THR A 179 -22.54 -6.36 13.62
N LEU A 180 -22.42 -5.15 14.17
CA LEU A 180 -21.35 -4.82 15.11
C LEU A 180 -21.77 -4.95 16.57
N ASP A 181 -22.87 -5.66 16.85
CA ASP A 181 -23.28 -5.89 18.22
C ASP A 181 -22.14 -6.49 19.02
N GLY A 182 -21.84 -5.89 20.15
CA GLY A 182 -20.71 -6.32 20.96
C GLY A 182 -19.45 -5.52 20.76
N PHE A 183 -19.42 -4.59 19.81
CA PHE A 183 -18.21 -3.84 19.53
C PHE A 183 -17.75 -3.08 20.76
N VAL A 184 -16.46 -3.17 21.07
CA VAL A 184 -15.81 -2.43 22.15
C VAL A 184 -14.83 -1.44 21.54
N ALA A 185 -15.00 -0.17 21.84
CA ALA A 185 -14.12 0.86 21.31
C ALA A 185 -12.68 0.63 21.77
N HIS A 186 -11.75 0.79 20.83
CA HIS A 186 -10.31 0.70 21.05
C HIS A 186 -9.80 -0.71 21.30
N ASP A 187 -10.53 -1.72 20.87
CA ASP A 187 -10.03 -3.10 20.91
C ASP A 187 -9.42 -3.43 19.55
N SER A 188 -8.10 -3.68 19.54
CA SER A 188 -7.40 -3.94 18.28
C SER A 188 -8.06 -5.03 17.45
N ILE A 189 -8.51 -6.11 18.09
CA ILE A 189 -9.13 -7.23 17.36
C ILE A 189 -10.49 -6.82 16.82
N HIS A 190 -11.25 -6.07 17.63
CA HIS A 190 -12.56 -5.59 17.18
C HIS A 190 -12.43 -4.72 15.94
N ASP A 191 -11.40 -3.86 15.88
CA ASP A 191 -11.24 -3.00 14.70
C ASP A 191 -11.00 -3.83 13.44
N CYS A 192 -10.18 -4.88 13.53
CA CYS A 192 -9.92 -5.69 12.34
C CYS A 192 -11.19 -6.42 11.89
N ALA A 193 -11.95 -6.96 12.84
CA ALA A 193 -13.20 -7.64 12.49
C ALA A 193 -14.19 -6.69 11.82
N LYS A 194 -14.27 -5.44 12.31
CA LYS A 194 -15.08 -4.44 11.61
C LYS A 194 -14.63 -4.27 10.18
N ASP A 195 -13.31 -4.17 9.95
CA ASP A 195 -12.83 -3.94 8.59
C ASP A 195 -13.06 -5.16 7.70
N ILE A 196 -12.86 -6.37 8.23
CA ILE A 196 -13.21 -7.57 7.47
C ILE A 196 -14.68 -7.52 7.07
N LEU A 197 -15.56 -7.21 8.04
CA LEU A 197 -16.99 -7.17 7.77
C LEU A 197 -17.33 -6.08 6.75
N MET A 198 -16.72 -4.89 6.89
CA MET A 198 -17.02 -3.82 5.94
C MET A 198 -16.54 -4.18 4.53
N MET A 199 -15.44 -4.92 4.43
CA MET A 199 -14.97 -5.32 3.11
C MET A 199 -15.89 -6.36 2.50
N LYS A 200 -16.32 -7.35 3.30
CA LYS A 200 -17.22 -8.38 2.83
C LYS A 200 -18.52 -7.78 2.30
N TYR A 201 -19.20 -6.98 3.13
CA TYR A 201 -20.49 -6.45 2.72
C TYR A 201 -20.35 -5.56 1.50
N ALA A 202 -19.30 -4.73 1.46
CA ALA A 202 -19.04 -3.93 0.26
C ALA A 202 -18.92 -4.82 -0.98
N LEU A 203 -18.28 -5.98 -0.85
CA LEU A 203 -18.26 -6.93 -1.96
C LEU A 203 -19.67 -7.40 -2.28
N ARG A 204 -20.46 -7.72 -1.26
CA ARG A 204 -21.81 -8.19 -1.50
C ARG A 204 -22.67 -7.10 -2.15
N TYR A 205 -22.56 -5.86 -1.68
CA TYR A 205 -23.34 -4.79 -2.31
C TYR A 205 -22.90 -4.54 -3.74
N ALA A 206 -21.67 -4.90 -4.09
CA ALA A 206 -21.20 -4.73 -5.46
C ALA A 206 -21.65 -5.88 -6.35
N MET A 207 -21.73 -7.09 -5.80
CA MET A 207 -22.16 -8.28 -6.51
C MET A 207 -23.67 -8.48 -6.55
N GLY A 208 -24.45 -7.57 -5.96
CA GLY A 208 -25.89 -7.75 -5.89
C GLY A 208 -26.38 -8.85 -4.95
N LEU A 209 -25.50 -9.45 -4.14
CA LEU A 209 -25.93 -10.49 -3.21
C LEU A 209 -26.83 -9.95 -2.11
N GLU A 210 -26.73 -8.67 -1.79
CA GLU A 210 -27.66 -8.00 -0.90
C GLU A 210 -27.68 -6.53 -1.28
N ASP A 211 -28.69 -5.81 -0.80
CA ASP A 211 -28.75 -4.38 -1.00
C ASP A 211 -28.28 -3.67 0.26
N ALA A 212 -27.61 -2.54 0.08
CA ALA A 212 -27.07 -1.81 1.21
C ALA A 212 -28.19 -1.33 2.12
N PRO A 213 -28.04 -1.46 3.44
CA PRO A 213 -29.04 -0.89 4.36
C PRO A 213 -29.09 0.61 4.25
N SER A 214 -30.26 1.18 4.53
CA SER A 214 -30.42 2.63 4.52
C SER A 214 -29.68 3.25 5.70
N GLU A 215 -29.24 4.50 5.50
CA GLU A 215 -28.46 5.19 6.53
C GLU A 215 -29.17 5.24 7.87
N GLU A 216 -30.51 5.11 7.89
CA GLU A 216 -31.25 4.99 9.13
C GLU A 216 -31.39 3.54 9.59
N GLU A 217 -31.29 2.56 8.68
CA GLU A 217 -31.53 1.17 8.98
C GLU A 217 -30.24 0.35 9.09
N CYS A 218 -29.09 0.99 9.28
CA CYS A 218 -27.81 0.31 9.39
C CYS A 218 -27.29 0.37 10.83
N ASP A 219 -26.31 -0.48 11.13
CA ASP A 219 -25.62 -0.38 12.42
C ASP A 219 -24.92 0.97 12.51
N PRO A 220 -25.27 1.82 13.47
CA PRO A 220 -24.64 3.14 13.54
C PRO A 220 -23.15 3.11 13.82
N LEU A 221 -22.59 2.00 14.29
CA LEU A 221 -21.14 1.92 14.42
C LEU A 221 -20.44 1.80 13.06
N SER A 222 -21.19 1.78 11.96
CA SER A 222 -20.59 1.70 10.63
C SER A 222 -20.66 3.00 9.86
N LEU A 223 -21.21 4.06 10.45
CA LEU A 223 -21.39 5.32 9.76
C LEU A 223 -20.07 6.07 9.72
N PRO A 224 -20.01 7.19 8.97
CA PRO A 224 -18.81 8.03 9.00
C PRO A 224 -18.77 8.95 10.22
N MET B 1 -8.80 19.41 -10.62
CA MET B 1 -8.21 18.52 -9.61
C MET B 1 -7.73 17.22 -10.25
N PHE B 2 -6.42 17.09 -10.44
CA PHE B 2 -5.81 15.88 -10.99
C PHE B 2 -5.31 14.97 -9.86
N ASP B 3 -5.33 13.65 -10.12
CA ASP B 3 -4.63 12.63 -9.36
C ASP B 3 -3.25 12.39 -9.97
N PHE B 4 -2.47 11.45 -9.44
CA PHE B 4 -1.18 11.15 -10.07
C PHE B 4 -0.74 9.72 -9.79
N ILE B 5 0.10 9.21 -10.69
CA ILE B 5 0.74 7.92 -10.59
C ILE B 5 2.23 8.13 -10.36
N ILE B 6 2.86 7.18 -9.67
CA ILE B 6 4.33 7.16 -9.51
C ILE B 6 4.80 5.73 -9.68
N ASP B 7 6.07 5.57 -10.08
CA ASP B 7 6.65 4.25 -10.21
C ASP B 7 8.16 4.35 -10.16
N PHE B 8 8.78 3.60 -9.23
CA PHE B 8 10.22 3.55 -9.04
C PHE B 8 10.83 2.32 -9.71
N GLU B 9 12.02 2.49 -10.26
CA GLU B 9 12.93 1.38 -10.48
C GLU B 9 14.03 1.48 -9.42
N THR B 10 14.40 0.34 -8.82
CA THR B 10 15.29 0.33 -7.65
C THR B 10 16.33 -0.79 -7.74
N MET B 11 17.30 -0.71 -6.82
CA MET B 11 18.28 -1.76 -6.63
C MET B 11 18.09 -2.51 -5.31
N GLY B 12 16.94 -2.36 -4.67
CA GLY B 12 16.69 -3.01 -3.40
C GLY B 12 15.24 -2.87 -3.05
N SER B 13 14.87 -3.28 -1.82
CA SER B 13 13.46 -3.51 -1.56
C SER B 13 12.83 -2.62 -0.49
N GLY B 14 13.55 -2.23 0.56
CA GLY B 14 12.91 -1.47 1.62
C GLY B 14 12.80 0.03 1.34
N GLU B 15 12.36 0.78 2.36
CA GLU B 15 12.21 2.22 2.20
C GLU B 15 13.54 2.93 1.95
N LYS B 16 14.68 2.29 2.20
CA LYS B 16 15.98 2.90 1.91
C LYS B 16 16.59 2.39 0.60
N ALA B 17 15.78 1.77 -0.26
CA ALA B 17 16.33 1.16 -1.46
C ALA B 17 16.90 2.21 -2.41
N ALA B 18 18.15 1.98 -2.82
CA ALA B 18 18.76 2.72 -3.93
C ALA B 18 17.80 2.77 -5.11
N VAL B 19 17.58 3.97 -5.63
CA VAL B 19 16.55 4.22 -6.65
C VAL B 19 17.22 4.48 -8.00
N ILE B 20 16.71 3.85 -9.04
CA ILE B 20 17.24 4.01 -10.40
C ILE B 20 16.50 5.11 -11.15
N ASP B 21 15.18 5.10 -11.13
CA ASP B 21 14.42 6.17 -11.72
C ASP B 21 13.07 6.28 -11.01
N LEU B 22 12.34 7.34 -11.34
CA LEU B 22 11.04 7.64 -10.76
C LEU B 22 10.22 8.31 -11.84
N ALA B 23 9.18 7.64 -12.31
CA ALA B 23 8.26 8.21 -13.28
C ALA B 23 6.99 8.65 -12.56
N VAL B 24 6.41 9.76 -13.03
CA VAL B 24 5.21 10.32 -12.43
C VAL B 24 4.38 10.97 -13.54
N ILE B 25 3.05 10.83 -13.44
CA ILE B 25 2.12 11.43 -14.38
C ILE B 25 0.86 11.85 -13.63
N ALA B 26 0.43 13.10 -13.83
CA ALA B 26 -0.86 13.55 -13.35
C ALA B 26 -1.94 13.22 -14.39
N PHE B 27 -3.14 12.92 -13.91
CA PHE B 27 -4.21 12.45 -14.79
C PHE B 27 -5.56 12.81 -14.20
N ASP B 28 -6.59 12.65 -15.02
CA ASP B 28 -7.91 13.11 -14.65
C ASP B 28 -8.70 11.91 -14.18
N PRO B 29 -9.19 11.91 -12.93
CA PRO B 29 -9.96 10.77 -12.43
C PRO B 29 -11.38 10.68 -12.94
N ASN B 30 -11.88 11.71 -13.63
CA ASN B 30 -13.28 11.73 -14.11
C ASN B 30 -13.54 10.53 -14.99
N PRO B 31 -14.49 9.65 -14.65
CA PRO B 31 -14.70 8.44 -15.45
C PRO B 31 -15.09 8.73 -16.89
N GLU B 32 -15.80 9.84 -17.15
CA GLU B 32 -16.19 10.18 -18.52
C GLU B 32 -15.06 10.84 -19.31
N VAL B 33 -13.96 11.22 -18.66
CA VAL B 33 -12.80 11.77 -19.35
C VAL B 33 -11.81 10.64 -19.57
N VAL B 34 -11.51 10.35 -20.83
CA VAL B 34 -10.64 9.23 -21.20
C VAL B 34 -9.35 9.78 -21.79
N GLU B 35 -8.41 10.16 -20.94
CA GLU B 35 -7.13 10.69 -21.41
C GLU B 35 -6.39 9.60 -22.17
N THR B 36 -5.87 9.93 -23.35
CA THR B 36 -5.27 8.93 -24.23
C THR B 36 -3.79 8.74 -23.93
N PHE B 37 -3.24 7.67 -24.51
CA PHE B 37 -1.85 7.31 -24.30
C PHE B 37 -0.92 8.48 -24.58
N ASP B 38 -1.07 9.12 -25.74
CA ASP B 38 -0.08 10.11 -26.18
C ASP B 38 -0.04 11.30 -25.25
N GLU B 39 -1.21 11.81 -24.84
CA GLU B 39 -1.22 12.97 -23.95
C GLU B 39 -0.73 12.60 -22.55
N LEU B 40 -1.07 11.40 -22.07
CA LEU B 40 -0.53 10.93 -20.80
C LEU B 40 0.98 10.88 -20.83
N VAL B 41 1.54 10.22 -21.84
CA VAL B 41 2.99 10.15 -21.99
C VAL B 41 3.60 11.54 -22.06
N SER B 42 2.92 12.49 -22.74
CA SER B 42 3.47 13.84 -22.88
C SER B 42 3.43 14.61 -21.57
N ARG B 43 2.37 14.42 -20.79
CA ARG B 43 2.26 15.09 -19.51
C ARG B 43 3.24 14.52 -18.48
N GLY B 44 3.83 13.37 -18.77
CA GLY B 44 4.62 12.68 -17.78
C GLY B 44 6.08 13.08 -17.79
N ILE B 45 6.73 12.86 -16.64
CA ILE B 45 8.17 13.06 -16.52
C ILE B 45 8.82 11.82 -15.91
N LYS B 46 10.12 11.70 -16.17
CA LYS B 46 10.94 10.59 -15.70
C LYS B 46 12.14 11.22 -15.00
N ILE B 47 12.24 11.00 -13.70
CA ILE B 47 13.38 11.44 -12.91
C ILE B 47 14.34 10.27 -12.78
N LYS B 48 15.58 10.47 -13.23
CA LYS B 48 16.61 9.43 -13.30
C LYS B 48 17.73 9.77 -12.33
N PHE B 49 18.11 8.78 -11.53
CA PHE B 49 19.01 9.01 -10.41
C PHE B 49 20.42 8.55 -10.71
N ASP B 50 21.38 9.25 -10.10
CA ASP B 50 22.77 8.82 -10.12
C ASP B 50 22.92 7.75 -9.06
N LEU B 51 23.21 6.52 -9.50
CA LEU B 51 23.28 5.37 -8.61
C LEU B 51 24.54 5.39 -7.75
N LYS B 52 25.67 5.75 -8.36
CA LYS B 52 26.95 5.72 -7.65
C LYS B 52 26.87 6.54 -6.36
N SER B 53 26.38 7.78 -6.46
CA SER B 53 26.31 8.65 -5.29
C SER B 53 25.46 8.07 -4.16
N GLN B 54 24.60 7.08 -4.44
CA GLN B 54 23.86 6.48 -3.34
C GLN B 54 24.64 5.40 -2.63
N LYS B 55 25.82 5.03 -3.14
CA LYS B 55 26.64 4.03 -2.45
C LYS B 55 27.05 4.59 -1.10
N GLY B 56 26.80 3.83 -0.04
CA GLY B 56 27.00 4.34 1.29
C GLY B 56 25.84 5.14 1.85
N HIS B 57 24.84 5.47 1.05
CA HIS B 57 23.65 6.15 1.56
C HIS B 57 22.38 5.33 1.44
N ARG B 58 22.28 4.46 0.44
CA ARG B 58 21.04 3.74 0.18
C ARG B 58 21.39 2.30 -0.16
N LEU B 59 20.36 1.45 -0.23
CA LEU B 59 20.54 0.01 -0.01
C LEU B 59 20.53 -0.74 -1.34
N PHE B 60 21.67 -1.34 -1.69
CA PHE B 60 21.78 -2.17 -2.89
C PHE B 60 21.62 -3.63 -2.46
N THR B 61 20.43 -4.18 -2.61
CA THR B 61 20.16 -5.57 -2.27
C THR B 61 20.73 -6.48 -3.34
N LYS B 62 21.40 -7.56 -2.92
CA LYS B 62 22.09 -8.40 -3.88
C LYS B 62 21.13 -9.28 -4.68
N SER B 63 20.04 -9.71 -4.07
CA SER B 63 19.01 -10.43 -4.82
C SER B 63 18.30 -9.56 -5.84
N THR B 64 18.49 -8.24 -5.78
CA THR B 64 17.98 -7.33 -6.80
C THR B 64 19.03 -6.99 -7.83
N ILE B 65 20.28 -6.86 -7.41
CA ILE B 65 21.39 -6.70 -8.35
C ILE B 65 21.45 -7.88 -9.31
N GLU B 66 21.35 -9.10 -8.77
CA GLU B 66 21.35 -10.26 -9.64
C GLU B 66 20.11 -10.29 -10.53
N TRP B 67 18.94 -9.98 -9.98
CA TRP B 67 17.74 -9.89 -10.81
C TRP B 67 17.96 -8.99 -12.03
N TRP B 68 18.54 -7.79 -11.82
CA TRP B 68 18.79 -6.88 -12.96
C TRP B 68 19.79 -7.49 -13.95
N LYS B 69 20.83 -8.17 -13.44
CA LYS B 69 21.82 -8.80 -14.31
C LYS B 69 21.18 -9.77 -15.31
N ASN B 70 20.08 -10.42 -14.94
CA ASN B 70 19.46 -11.41 -15.80
C ASN B 70 18.39 -10.85 -16.71
N GLN B 71 18.11 -9.54 -16.65
CA GLN B 71 17.05 -8.98 -17.46
C GLN B 71 17.54 -8.71 -18.88
N SER B 72 16.60 -8.28 -19.72
CA SER B 72 16.85 -8.14 -21.15
C SER B 72 17.80 -6.98 -21.42
N PRO B 73 18.51 -7.02 -22.56
CA PRO B 73 19.43 -5.91 -22.85
C PRO B 73 18.75 -4.56 -22.91
N GLU B 74 17.49 -4.49 -23.35
CA GLU B 74 16.84 -3.18 -23.43
C GLU B 74 16.35 -2.71 -22.07
N ALA B 75 15.96 -3.65 -21.20
CA ALA B 75 15.63 -3.28 -19.83
C ALA B 75 16.87 -2.81 -19.08
N ARG B 76 17.96 -3.55 -19.21
CA ARG B 76 19.22 -3.14 -18.58
C ARG B 76 19.71 -1.80 -19.13
N LYS B 77 19.42 -1.49 -20.40
CA LYS B 77 19.89 -0.22 -20.96
C LYS B 77 19.17 0.95 -20.31
N ASN B 78 17.84 0.86 -20.15
CA ASN B 78 17.04 1.94 -19.57
C ASN B 78 17.51 2.31 -18.16
N ILE B 79 18.28 1.45 -17.51
CA ILE B 79 18.73 1.64 -16.14
C ILE B 79 20.22 1.91 -16.06
N ALA B 80 20.90 2.00 -17.20
CA ALA B 80 22.31 2.31 -17.21
C ALA B 80 22.54 3.78 -16.80
N PRO B 81 23.70 4.12 -16.25
CA PRO B 81 23.96 5.52 -15.92
C PRO B 81 24.01 6.35 -17.19
N SER B 82 23.55 7.59 -17.09
CA SER B 82 23.64 8.52 -18.20
C SER B 82 23.80 9.93 -17.62
N ASP B 83 24.04 10.88 -18.50
CA ASP B 83 24.30 12.25 -18.08
C ASP B 83 23.05 12.96 -17.59
N GLU B 84 21.89 12.34 -17.64
CA GLU B 84 20.71 12.96 -17.07
C GLU B 84 20.48 12.52 -15.62
N ASP B 85 21.36 11.69 -15.07
CA ASP B 85 21.22 11.23 -13.70
C ASP B 85 21.38 12.41 -12.75
N VAL B 86 20.56 12.44 -11.70
CA VAL B 86 20.65 13.51 -10.71
C VAL B 86 20.75 12.88 -9.33
N ALA B 87 21.39 13.60 -8.42
CA ALA B 87 21.39 13.15 -7.04
C ALA B 87 19.97 13.02 -6.52
N THR B 88 19.78 12.20 -5.49
CA THR B 88 18.42 11.94 -5.03
C THR B 88 17.76 13.22 -4.49
N ILE B 89 18.54 14.07 -3.80
CA ILE B 89 17.98 15.31 -3.26
C ILE B 89 17.56 16.26 -4.39
N ALA B 90 18.22 16.19 -5.55
CA ALA B 90 17.77 16.95 -6.73
C ALA B 90 16.53 16.33 -7.35
N GLY B 91 16.48 14.99 -7.35
CA GLY B 91 15.33 14.29 -7.91
C GLY B 91 14.04 14.55 -7.14
N ILE B 92 14.11 14.51 -5.80
CA ILE B 92 12.88 14.75 -5.05
C ILE B 92 12.45 16.22 -5.18
N ALA B 93 13.39 17.15 -5.35
CA ALA B 93 13.00 18.53 -5.66
C ALA B 93 12.29 18.60 -7.01
N LYS B 94 12.82 17.94 -8.04
CA LYS B 94 12.10 17.91 -9.32
C LYS B 94 10.71 17.33 -9.14
N PHE B 95 10.61 16.25 -8.35
CA PHE B 95 9.32 15.60 -8.10
C PHE B 95 8.32 16.57 -7.48
N ASN B 96 8.74 17.29 -6.43
CA ASN B 96 7.83 18.26 -5.83
C ASN B 96 7.41 19.34 -6.83
N ASP B 97 8.36 19.85 -7.62
CA ASP B 97 8.03 20.88 -8.60
C ASP B 97 6.95 20.40 -9.56
N TYR B 98 7.05 19.15 -10.02
CA TYR B 98 6.03 18.66 -10.94
C TYR B 98 4.66 18.69 -10.27
N ILE B 99 4.58 18.19 -9.03
CA ILE B 99 3.30 18.14 -8.33
C ILE B 99 2.72 19.55 -8.19
N ASN B 100 3.53 20.51 -7.76
CA ASN B 100 3.06 21.87 -7.57
C ASN B 100 2.58 22.51 -8.86
N ALA B 101 3.07 22.05 -10.01
CA ALA B 101 2.76 22.62 -11.30
C ALA B 101 1.67 21.87 -12.06
N HIS B 102 1.00 20.88 -11.44
CA HIS B 102 0.12 20.01 -12.22
C HIS B 102 -1.23 19.77 -11.55
N ASN B 103 -1.75 20.78 -10.85
CA ASN B 103 -3.15 20.79 -10.43
C ASN B 103 -3.45 19.62 -9.49
N ILE B 104 -2.58 19.46 -8.50
CA ILE B 104 -2.70 18.42 -7.48
C ILE B 104 -3.15 19.10 -6.19
N ASP B 105 -4.27 18.66 -5.63
CA ASP B 105 -4.72 19.26 -4.38
C ASP B 105 -4.15 18.48 -3.19
N PRO B 106 -3.35 19.12 -2.33
CA PRO B 106 -2.71 18.41 -1.20
C PRO B 106 -3.70 17.69 -0.30
N TRP B 107 -4.98 18.07 -0.30
CA TRP B 107 -5.94 17.46 0.59
C TRP B 107 -6.94 16.54 -0.10
N LYS B 108 -7.05 16.59 -1.41
CA LYS B 108 -8.14 15.91 -2.11
C LYS B 108 -7.66 15.03 -3.25
N SER B 109 -6.47 15.26 -3.79
CA SER B 109 -5.94 14.38 -4.81
C SER B 109 -5.59 13.00 -4.20
N GLN B 110 -5.41 12.02 -5.07
CA GLN B 110 -4.99 10.69 -4.68
C GLN B 110 -3.71 10.33 -5.42
N GLY B 111 -2.80 9.64 -4.75
CA GLY B 111 -1.58 9.14 -5.36
C GLY B 111 -1.63 7.62 -5.51
N TRP B 112 -1.18 7.13 -6.67
CA TRP B 112 -1.34 5.73 -7.06
C TRP B 112 0.01 5.14 -7.42
N CYS B 113 0.19 3.86 -7.07
CA CYS B 113 1.35 3.09 -7.51
C CYS B 113 0.98 1.62 -7.52
N ARG B 114 1.79 0.83 -8.24
CA ARG B 114 1.54 -0.60 -8.40
C ARG B 114 2.16 -1.37 -7.24
N GLY B 115 1.51 -1.24 -6.07
CA GLY B 115 2.01 -1.82 -4.84
C GLY B 115 2.34 -0.71 -3.87
N MET B 116 1.35 -0.25 -3.09
CA MET B 116 1.55 0.90 -2.22
C MET B 116 2.74 0.69 -1.28
N SER B 117 2.93 -0.54 -0.80
CA SER B 117 4.00 -0.78 0.17
C SER B 117 5.38 -0.65 -0.46
N PHE B 118 5.48 -0.48 -1.77
CA PHE B 118 6.78 -0.38 -2.37
C PHE B 118 7.16 1.07 -2.71
N ASP B 119 6.37 1.78 -3.51
CA ASP B 119 6.80 3.10 -4.01
C ASP B 119 6.64 4.21 -2.99
N PHE B 120 5.47 4.29 -2.36
CA PHE B 120 5.22 5.33 -1.38
C PHE B 120 6.20 5.33 -0.21
N PRO B 121 6.60 4.20 0.39
CA PRO B 121 7.60 4.30 1.47
C PRO B 121 8.95 4.84 1.00
N ILE B 122 9.37 4.50 -0.21
CA ILE B 122 10.58 5.09 -0.75
C ILE B 122 10.39 6.59 -1.00
N LEU B 123 9.29 6.95 -1.70
CA LEU B 123 8.98 8.35 -1.93
C LEU B 123 9.06 9.15 -0.65
N VAL B 124 8.38 8.67 0.41
CA VAL B 124 8.38 9.39 1.67
C VAL B 124 9.78 9.39 2.27
N ASP B 125 10.56 8.32 2.10
CA ASP B 125 11.90 8.40 2.67
C ASP B 125 12.71 9.48 1.97
N LEU B 126 12.50 9.65 0.67
CA LEU B 126 13.22 10.69 -0.06
C LEU B 126 12.74 12.07 0.37
N ILE B 127 11.45 12.22 0.65
CA ILE B 127 10.98 13.53 1.08
C ILE B 127 11.52 13.85 2.47
N ARG B 128 11.71 12.84 3.30
CA ARG B 128 12.31 13.02 4.62
C ARG B 128 13.76 13.49 4.53
N ASP B 129 14.50 13.06 3.49
CA ASP B 129 15.80 13.64 3.23
C ASP B 129 15.73 15.16 3.16
N ILE B 130 14.62 15.72 2.64
CA ILE B 130 14.48 17.17 2.58
C ILE B 130 14.56 17.75 3.98
N GLN B 131 13.90 17.10 4.95
CA GLN B 131 14.02 17.57 6.32
C GLN B 131 15.36 17.18 6.96
N ARG B 132 15.92 16.03 6.60
CA ARG B 132 17.22 15.65 7.17
C ARG B 132 18.29 16.64 6.75
N LEU B 133 18.24 17.06 5.49
CA LEU B 133 19.17 18.11 5.03
C LEU B 133 19.06 19.36 5.89
N ASN B 134 17.86 19.70 6.34
CA ASN B 134 17.66 20.85 7.20
C ASN B 134 17.90 20.54 8.66
N GLY B 135 18.68 19.51 8.96
CA GLY B 135 19.09 19.23 10.32
C GLY B 135 18.04 18.63 11.24
N VAL B 136 16.91 18.16 10.71
CA VAL B 136 15.89 17.55 11.56
C VAL B 136 16.35 16.15 11.99
N SER B 137 16.23 15.87 13.28
CA SER B 137 16.48 14.52 13.80
C SER B 137 15.43 13.53 13.31
N GLU B 138 15.89 12.29 13.08
CA GLU B 138 15.02 11.22 12.61
C GLU B 138 13.73 11.09 13.41
N ASN B 139 13.82 11.20 14.73
CA ASN B 139 12.64 11.05 15.57
C ASN B 139 11.78 12.29 15.64
N GLU B 140 12.20 13.38 14.96
CA GLU B 140 11.40 14.60 14.83
C GLU B 140 10.96 14.85 13.40
N LEU B 141 11.28 13.95 12.48
CA LEU B 141 10.78 14.07 11.12
C LEU B 141 9.26 14.20 11.13
N ASP B 142 8.75 15.11 10.30
CA ASP B 142 7.29 15.26 10.13
C ASP B 142 7.05 15.89 8.76
N THR B 143 6.77 15.03 7.77
CA THR B 143 6.63 15.40 6.37
C THR B 143 5.16 15.53 5.94
N PHE B 144 4.25 15.73 6.88
CA PHE B 144 2.84 15.80 6.55
C PHE B 144 2.55 16.89 5.50
N LYS B 145 3.24 18.04 5.60
CA LYS B 145 3.02 19.13 4.66
C LYS B 145 3.80 18.96 3.36
N LEU B 146 4.91 18.24 3.37
CA LEU B 146 5.75 18.14 2.18
C LEU B 146 5.28 17.07 1.20
N GLU B 147 4.35 16.20 1.62
CA GLU B 147 4.02 15.01 0.85
C GLU B 147 3.01 15.38 -0.23
N PRO B 148 3.05 14.70 -1.38
CA PRO B 148 2.18 15.11 -2.51
C PRO B 148 0.72 14.81 -2.30
N CYS B 149 0.36 13.82 -1.47
CA CYS B 149 -1.04 13.59 -1.12
C CYS B 149 -1.08 13.26 0.35
N LYS B 150 -2.28 13.35 0.93
CA LYS B 150 -2.43 12.93 2.31
C LYS B 150 -2.26 11.42 2.36
N PHE B 151 -1.66 10.92 3.44
CA PHE B 151 -1.34 9.49 3.46
C PHE B 151 -2.59 8.65 3.28
N TRP B 152 -3.71 9.06 3.87
CA TRP B 152 -4.93 8.29 3.71
C TRP B 152 -5.49 8.35 2.30
N ASN B 153 -4.84 9.10 1.40
CA ASN B 153 -5.26 9.20 0.01
C ASN B 153 -4.33 8.46 -0.95
N GLN B 154 -3.28 7.82 -0.46
CA GLN B 154 -2.56 6.89 -1.31
C GLN B 154 -3.51 5.77 -1.70
N ARG B 155 -3.28 5.17 -2.86
CA ARG B 155 -4.20 4.18 -3.40
C ARG B 155 -3.39 3.13 -4.13
N ASP B 156 -3.81 1.87 -4.03
CA ASP B 156 -3.08 0.75 -4.62
C ASP B 156 -3.71 0.31 -5.92
N ILE B 157 -2.87 0.21 -6.98
CA ILE B 157 -3.35 -0.06 -8.32
C ILE B 157 -3.89 -1.49 -8.45
N ARG B 158 -3.16 -2.47 -7.92
CA ARG B 158 -3.62 -3.86 -7.96
C ARG B 158 -4.98 -4.01 -7.31
N THR B 159 -5.17 -3.39 -6.15
CA THR B 159 -6.42 -3.50 -5.41
C THR B 159 -7.56 -2.83 -6.16
N ARG B 160 -7.30 -1.67 -6.76
CA ARG B 160 -8.31 -0.96 -7.55
C ARG B 160 -8.84 -1.82 -8.69
N ILE B 161 -7.95 -2.26 -9.60
CA ILE B 161 -8.37 -2.97 -10.81
C ILE B 161 -9.04 -4.29 -10.43
N GLU B 162 -8.46 -5.04 -9.50
CA GLU B 162 -9.05 -6.31 -9.10
C GLU B 162 -10.45 -6.11 -8.56
N ALA B 163 -10.67 -5.05 -7.78
CA ALA B 163 -11.98 -4.77 -7.20
C ALA B 163 -12.96 -4.23 -8.23
N LEU B 164 -12.47 -3.46 -9.20
CA LEU B 164 -13.37 -2.92 -10.20
C LEU B 164 -13.94 -4.03 -11.07
N LEU B 165 -13.12 -5.03 -11.41
CA LEU B 165 -13.51 -6.10 -12.33
C LEU B 165 -14.08 -7.33 -11.61
N LEU B 166 -14.04 -7.35 -10.29
CA LEU B 166 -14.58 -8.45 -9.48
C LEU B 166 -14.00 -9.81 -9.85
N VAL B 167 -12.73 -9.85 -10.25
CA VAL B 167 -12.02 -11.10 -10.55
C VAL B 167 -10.75 -11.15 -9.70
N ARG B 168 -10.75 -12.00 -8.68
CA ARG B 168 -9.57 -12.17 -7.83
C ARG B 168 -8.33 -12.42 -8.67
N ASP B 169 -7.23 -11.76 -8.28
CA ASP B 169 -5.89 -11.93 -8.84
C ASP B 169 -5.75 -11.32 -10.23
N MET B 170 -6.73 -10.53 -10.67
CA MET B 170 -6.69 -9.89 -11.99
C MET B 170 -6.33 -8.43 -11.77
N THR B 171 -5.06 -8.09 -12.00
CA THR B 171 -4.57 -6.76 -11.70
C THR B 171 -4.23 -5.97 -12.96
N THR B 172 -4.57 -6.50 -14.13
CA THR B 172 -4.51 -5.76 -15.39
C THR B 172 -5.91 -5.70 -15.98
N CYS B 173 -6.06 -4.85 -17.01
CA CYS B 173 -7.38 -4.63 -17.60
C CYS B 173 -7.27 -4.47 -19.11
N PRO B 174 -8.03 -5.24 -19.89
CA PRO B 174 -7.93 -5.16 -21.36
C PRO B 174 -8.45 -3.82 -21.87
N LEU B 175 -7.68 -3.22 -22.78
CA LEU B 175 -8.01 -1.95 -23.41
C LEU B 175 -8.41 -2.16 -24.87
N PRO B 176 -9.35 -1.36 -25.40
CA PRO B 176 -9.76 -1.53 -26.80
C PRO B 176 -8.59 -1.58 -27.78
N LYS B 177 -8.81 -2.20 -28.93
CA LYS B 177 -7.76 -2.41 -29.92
C LYS B 177 -7.02 -1.12 -30.24
N GLY B 178 -5.69 -1.20 -30.24
CA GLY B 178 -4.83 -0.09 -30.59
C GLY B 178 -4.68 0.99 -29.54
N THR B 179 -5.23 0.80 -28.33
CA THR B 179 -5.12 1.84 -27.30
C THR B 179 -3.67 2.12 -26.94
N LEU B 180 -2.79 1.13 -27.06
CA LEU B 180 -1.39 1.25 -26.64
C LEU B 180 -0.44 1.34 -27.84
N ASP B 181 -0.91 1.89 -28.94
CA ASP B 181 -0.04 2.08 -30.11
C ASP B 181 1.04 3.10 -29.79
N GLY B 182 2.29 2.72 -30.01
CA GLY B 182 3.42 3.55 -29.63
C GLY B 182 4.09 3.16 -28.33
N PHE B 183 3.70 2.05 -27.73
CA PHE B 183 4.28 1.60 -26.48
C PHE B 183 5.71 1.11 -26.70
N VAL B 184 6.64 1.55 -25.84
CA VAL B 184 8.00 1.02 -25.79
C VAL B 184 8.16 0.30 -24.45
N ALA B 185 8.60 -0.96 -24.52
CA ALA B 185 8.36 -1.92 -23.44
C ALA B 185 8.97 -1.48 -22.10
N HIS B 186 10.15 -0.85 -22.15
CA HIS B 186 10.89 -0.52 -20.94
C HIS B 186 11.07 0.98 -20.82
N ASP B 187 10.04 1.72 -21.22
CA ASP B 187 9.98 3.16 -21.04
C ASP B 187 9.19 3.42 -19.77
N SER B 188 9.86 3.93 -18.74
CA SER B 188 9.21 4.14 -17.45
C SER B 188 7.91 4.93 -17.58
N ILE B 189 7.89 5.96 -18.44
CA ILE B 189 6.72 6.82 -18.54
C ILE B 189 5.56 6.06 -19.20
N HIS B 190 5.88 5.23 -20.20
CA HIS B 190 4.84 4.45 -20.86
C HIS B 190 4.16 3.52 -19.88
N ASP B 191 4.97 2.78 -19.08
CA ASP B 191 4.44 1.84 -18.08
C ASP B 191 3.38 2.50 -17.20
N CYS B 192 3.67 3.71 -16.70
CA CYS B 192 2.69 4.44 -15.92
C CYS B 192 1.49 4.85 -16.76
N ALA B 193 1.71 5.13 -18.05
CA ALA B 193 0.60 5.52 -18.90
C ALA B 193 -0.36 4.35 -19.11
N LYS B 194 0.19 3.15 -19.34
CA LYS B 194 -0.66 1.97 -19.51
C LYS B 194 -1.44 1.66 -18.24
N ASP B 195 -0.80 1.82 -17.07
CA ASP B 195 -1.49 1.59 -15.80
C ASP B 195 -2.60 2.62 -15.56
N ILE B 196 -2.38 3.87 -15.99
CA ILE B 196 -3.44 4.88 -15.87
C ILE B 196 -4.62 4.52 -16.75
N LEU B 197 -4.36 4.11 -17.99
CA LEU B 197 -5.42 3.70 -18.90
C LEU B 197 -6.15 2.46 -18.38
N MET B 198 -5.43 1.49 -17.83
CA MET B 198 -6.08 0.27 -17.37
C MET B 198 -7.00 0.52 -16.17
N MET B 199 -6.70 1.56 -15.39
CA MET B 199 -7.49 1.88 -14.23
C MET B 199 -8.74 2.67 -14.62
N LYS B 200 -8.61 3.51 -15.65
CA LYS B 200 -9.75 4.28 -16.17
C LYS B 200 -10.77 3.36 -16.84
N TYR B 201 -10.30 2.45 -17.70
CA TYR B 201 -11.22 1.57 -18.40
C TYR B 201 -11.88 0.60 -17.43
N ALA B 202 -11.14 0.12 -16.43
CA ALA B 202 -11.76 -0.66 -15.37
C ALA B 202 -12.87 0.13 -14.68
N LEU B 203 -12.66 1.44 -14.50
CA LEU B 203 -13.70 2.27 -13.89
C LEU B 203 -14.91 2.42 -14.80
N ARG B 204 -14.69 2.52 -16.12
CA ARG B 204 -15.80 2.69 -17.05
C ARG B 204 -16.63 1.43 -17.16
N TYR B 205 -15.98 0.27 -17.21
CA TYR B 205 -16.70 -0.98 -17.31
C TYR B 205 -17.56 -1.22 -16.07
N ALA B 206 -16.96 -1.06 -14.88
CA ALA B 206 -17.70 -1.32 -13.65
C ALA B 206 -18.85 -0.36 -13.45
N MET B 207 -18.77 0.84 -14.04
CA MET B 207 -19.90 1.76 -14.04
C MET B 207 -20.86 1.45 -15.18
N GLY B 208 -20.35 1.05 -16.34
CA GLY B 208 -21.19 0.79 -17.49
C GLY B 208 -21.17 1.92 -18.50
N LEU B 209 -19.99 2.46 -18.76
CA LEU B 209 -19.79 3.51 -19.74
C LEU B 209 -19.17 3.00 -21.03
N GLU B 210 -18.90 1.70 -21.10
CA GLU B 210 -18.37 0.99 -22.24
C GLU B 210 -18.29 -0.47 -21.80
N ASP B 211 -18.06 -1.36 -22.75
CA ASP B 211 -18.03 -2.79 -22.46
C ASP B 211 -16.63 -3.35 -22.68
N ALA B 212 -16.31 -4.41 -21.97
CA ALA B 212 -15.01 -5.05 -22.11
C ALA B 212 -14.86 -5.66 -23.49
N PRO B 213 -13.87 -5.26 -24.28
CA PRO B 213 -13.67 -5.87 -25.60
C PRO B 213 -13.36 -7.35 -25.49
N SER B 214 -13.29 -8.00 -26.65
CA SER B 214 -12.95 -9.41 -26.72
C SER B 214 -11.44 -9.61 -26.69
N GLU B 215 -11.01 -10.87 -26.56
CA GLU B 215 -9.59 -11.18 -26.68
C GLU B 215 -9.05 -10.81 -28.05
N GLU B 216 -9.81 -11.15 -29.10
CA GLU B 216 -9.48 -10.78 -30.47
C GLU B 216 -9.96 -9.37 -30.83
N GLU B 217 -10.44 -8.60 -29.85
CA GLU B 217 -10.97 -7.27 -30.11
C GLU B 217 -10.32 -6.21 -29.24
N CYS B 218 -9.15 -6.48 -28.67
CA CYS B 218 -8.49 -5.52 -27.79
C CYS B 218 -6.99 -5.55 -28.07
N ASP B 219 -6.34 -4.41 -27.79
CA ASP B 219 -4.89 -4.30 -27.94
C ASP B 219 -4.21 -5.42 -27.15
N PRO B 220 -3.44 -6.29 -27.80
CA PRO B 220 -2.85 -7.42 -27.06
C PRO B 220 -1.86 -7.02 -25.98
N LEU B 221 -1.30 -5.81 -26.03
CA LEU B 221 -0.41 -5.37 -24.96
C LEU B 221 -1.12 -5.28 -23.61
N SER B 222 -2.44 -5.11 -23.60
CA SER B 222 -3.19 -5.03 -22.36
C SER B 222 -3.52 -6.38 -21.75
N LEU B 223 -3.07 -7.47 -22.37
CA LEU B 223 -3.51 -8.82 -22.00
C LEU B 223 -2.41 -9.50 -21.21
N PRO B 224 -2.62 -9.82 -19.91
CA PRO B 224 -1.66 -10.43 -18.99
C PRO B 224 -1.08 -11.73 -19.50
#